data_1JVC
#
_entry.id   1JVC
#
_cell.length_a   ?
_cell.length_b   ?
_cell.length_c   ?
_cell.angle_alpha   ?
_cell.angle_beta   ?
_cell.angle_gamma   ?
#
_entity_poly.entity_id   1
_entity_poly.type   'polydeoxyribonucleotide'
_entity_poly.pdbx_seq_one_letter_code
;(DG)(DA)(DG)(DC)(DA)(DG)(DG)(DT)
;
_entity_poly.pdbx_strand_id   A,B
#
loop_
_chem_comp.id
_chem_comp.type
_chem_comp.name
_chem_comp.formula
DA DNA linking 2'-DEOXYADENOSINE-5'-MONOPHOSPHATE 'C10 H14 N5 O6 P'
DC DNA linking 2'-DEOXYCYTIDINE-5'-MONOPHOSPHATE 'C9 H14 N3 O7 P'
DG DNA linking 2'-DEOXYGUANOSINE-5'-MONOPHOSPHATE 'C10 H14 N5 O7 P'
DT DNA linking THYMIDINE-5'-MONOPHOSPHATE 'C10 H15 N2 O8 P'
#